data_6ESM
#
_entry.id   6ESM
#
_cell.length_a   39.690
_cell.length_b   39.690
_cell.length_c   163.660
_cell.angle_alpha   90.00
_cell.angle_beta   90.00
_cell.angle_gamma   120.00
#
_symmetry.space_group_name_H-M   'P 32 2 1'
#
loop_
_entity.id
_entity.type
_entity.pdbx_description
1 polymer 'Matrix metalloproteinase-9,Matrix metalloproteinase-9'
2 non-polymer 'ZINC ION'
3 non-polymer 'CALCIUM ION'
4 non-polymer '(2~{S})-2-[2-[4-(4-methoxyphenyl)phenyl]sulfanylphenyl]pentanedioic acid'
5 non-polymer piperazine
6 water water
#
_entity_poly.entity_id   1
_entity_poly.type   'polypeptide(L)'
_entity_poly.pdbx_seq_one_letter_code
;FEGDLKWHHHNITYWIQNYSEDLPRAVIDDAFARAFALWSAVTPLTFTRVYSRDADIVIQFGVAEHGDGYPFDGKDGLLA
HAFPPGPGIQGDAHFDDDELWSLGKGVGYSLFLVAAHQFGHALGLDHSSVPEALMYPMYRFTEGPPLHKDDVNGIRHLYG
;
_entity_poly.pdbx_strand_id   A
#
loop_
_chem_comp.id
_chem_comp.type
_chem_comp.name
_chem_comp.formula
B9Z non-polymer '(2~{S})-2-[2-[4-(4-methoxyphenyl)phenyl]sulfanylphenyl]pentanedioic acid' 'C24 H22 O5 S'
CA non-polymer 'CALCIUM ION' 'Ca 2'
PZE non-polymer piperazine 'C4 H10 N2'
ZN non-polymer 'ZINC ION' 'Zn 2'
#
# COMPACT_ATOMS: atom_id res chain seq x y z
N GLY A 3 -7.39 2.59 14.61
CA GLY A 3 -6.46 3.72 14.62
C GLY A 3 -7.16 5.06 14.53
N ASP A 4 -6.57 5.99 13.79
CA ASP A 4 -7.15 7.29 13.56
C ASP A 4 -7.79 7.35 12.16
N LEU A 5 -8.54 8.42 11.93
CA LEU A 5 -9.17 8.63 10.63
C LEU A 5 -8.19 9.14 9.59
N LYS A 6 -7.12 9.81 10.01
CA LYS A 6 -6.15 10.39 9.10
C LYS A 6 -4.85 10.62 9.87
N TRP A 7 -3.77 10.78 9.12
CA TRP A 7 -2.55 11.31 9.71
C TRP A 7 -2.78 12.78 10.01
N HIS A 8 -2.17 13.24 11.11
CA HIS A 8 -2.33 14.63 11.52
C HIS A 8 -1.19 15.52 11.05
N HIS A 9 -0.13 14.95 10.48
CA HIS A 9 0.92 15.70 9.81
C HIS A 9 0.91 15.33 8.34
N HIS A 10 1.57 16.17 7.53
N HIS A 10 1.57 16.16 7.53
CA HIS A 10 1.57 16.00 6.08
CA HIS A 10 1.56 15.96 6.09
C HIS A 10 2.83 15.35 5.55
C HIS A 10 2.84 15.35 5.53
N ASN A 11 3.95 15.43 6.26
CA ASN A 11 5.22 14.89 5.79
C ASN A 11 5.38 13.46 6.30
N ILE A 12 4.78 12.53 5.56
CA ILE A 12 4.77 11.13 5.95
C ILE A 12 6.11 10.50 5.59
N THR A 13 6.62 9.63 6.45
CA THR A 13 7.85 8.90 6.16
C THR A 13 7.54 7.41 6.05
N TYR A 14 8.36 6.71 5.28
CA TYR A 14 8.20 5.27 5.12
C TYR A 14 9.56 4.60 5.17
N TRP A 15 9.56 3.36 5.67
CA TRP A 15 10.77 2.55 5.81
C TRP A 15 10.49 1.19 5.20
N ILE A 16 11.29 0.80 4.21
CA ILE A 16 11.20 -0.54 3.64
C ILE A 16 12.07 -1.43 4.52
N GLN A 17 11.44 -2.13 5.47
CA GLN A 17 12.19 -2.86 6.47
C GLN A 17 12.87 -4.09 5.88
N ASN A 18 12.21 -4.77 4.95
CA ASN A 18 12.79 -5.95 4.33
C ASN A 18 12.21 -6.10 2.94
N TYR A 19 12.71 -7.09 2.23
CA TYR A 19 12.46 -7.24 0.80
C TYR A 19 11.95 -8.64 0.49
N SER A 20 11.31 -8.75 -0.66
CA SER A 20 11.07 -10.03 -1.31
C SER A 20 12.19 -10.26 -2.30
N GLU A 21 12.57 -11.52 -2.47
CA GLU A 21 13.54 -11.83 -3.50
C GLU A 21 12.91 -11.97 -4.89
N ASP A 22 11.60 -11.75 -5.00
CA ASP A 22 10.93 -11.94 -6.29
C ASP A 22 11.40 -10.92 -7.34
N LEU A 23 11.84 -9.75 -6.91
CA LEU A 23 12.18 -8.65 -7.81
C LEU A 23 13.45 -7.98 -7.29
N PRO A 24 14.22 -7.34 -8.17
CA PRO A 24 15.37 -6.56 -7.69
C PRO A 24 14.94 -5.49 -6.72
N ARG A 25 15.84 -5.16 -5.79
CA ARG A 25 15.53 -4.13 -4.80
C ARG A 25 15.15 -2.80 -5.47
N ALA A 26 15.88 -2.40 -6.51
CA ALA A 26 15.58 -1.12 -7.14
C ALA A 26 14.20 -1.14 -7.79
N VAL A 27 13.75 -2.30 -8.28
CA VAL A 27 12.41 -2.40 -8.85
C VAL A 27 11.35 -2.30 -7.77
N ILE A 28 11.59 -2.94 -6.62
CA ILE A 28 10.66 -2.84 -5.49
C ILE A 28 10.59 -1.41 -4.99
N ASP A 29 11.75 -0.78 -4.79
CA ASP A 29 11.79 0.61 -4.32
C ASP A 29 10.99 1.53 -5.23
N ASP A 30 11.16 1.35 -6.55
CA ASP A 30 10.48 2.20 -7.52
C ASP A 30 8.97 1.93 -7.54
N ALA A 31 8.57 0.66 -7.39
CA ALA A 31 7.14 0.36 -7.33
C ALA A 31 6.48 1.06 -6.16
N PHE A 32 7.13 1.03 -4.99
CA PHE A 32 6.58 1.73 -3.83
C PHE A 32 6.57 3.24 -4.07
N ALA A 33 7.66 3.78 -4.63
CA ALA A 33 7.70 5.23 -4.89
C ALA A 33 6.58 5.66 -5.82
N ARG A 34 6.30 4.87 -6.86
CA ARG A 34 5.23 5.22 -7.79
C ARG A 34 3.87 5.14 -7.10
N ALA A 35 3.67 4.13 -6.25
CA ALA A 35 2.40 4.00 -5.54
C ALA A 35 2.18 5.18 -4.59
N PHE A 36 3.23 5.62 -3.89
CA PHE A 36 3.11 6.80 -3.06
C PHE A 36 2.84 8.04 -3.90
N ALA A 37 3.51 8.17 -5.05
CA ALA A 37 3.33 9.35 -5.89
C ALA A 37 1.90 9.47 -6.42
N LEU A 38 1.19 8.36 -6.56
CA LEU A 38 -0.19 8.42 -6.97
C LEU A 38 -1.01 9.20 -5.96
N TRP A 39 -0.72 9.02 -4.66
CA TRP A 39 -1.48 9.67 -3.61
C TRP A 39 -0.95 11.06 -3.29
N SER A 40 0.37 11.27 -3.34
CA SER A 40 0.88 12.60 -3.08
C SER A 40 0.45 13.60 -4.15
N ALA A 41 0.23 13.15 -5.39
CA ALA A 41 -0.15 14.09 -6.43
C ALA A 41 -1.51 14.74 -6.12
N VAL A 42 -2.37 14.04 -5.39
CA VAL A 42 -3.76 14.46 -5.19
C VAL A 42 -4.04 14.87 -3.75
N THR A 43 -3.00 15.05 -2.93
CA THR A 43 -3.16 15.44 -1.53
C THR A 43 -2.08 16.46 -1.17
N PRO A 44 -2.17 17.11 -0.01
CA PRO A 44 -1.03 17.87 0.50
C PRO A 44 0.05 17.01 1.14
N LEU A 45 -0.06 15.69 1.05
CA LEU A 45 0.89 14.82 1.69
C LEU A 45 2.15 14.70 0.85
N THR A 46 3.26 14.47 1.53
CA THR A 46 4.50 14.05 0.88
C THR A 46 4.93 12.74 1.53
N PHE A 47 5.72 11.98 0.79
CA PHE A 47 6.21 10.68 1.24
C PHE A 47 7.71 10.64 1.07
N THR A 48 8.42 10.48 2.18
CA THR A 48 9.87 10.51 2.18
C THR A 48 10.40 9.20 2.75
N ARG A 49 11.30 8.56 1.99
CA ARG A 49 11.90 7.31 2.43
C ARG A 49 12.93 7.59 3.51
N VAL A 50 12.88 6.80 4.59
CA VAL A 50 13.86 6.86 5.66
C VAL A 50 14.36 5.45 5.93
N TYR A 51 15.47 5.38 6.65
CA TYR A 51 16.06 4.11 7.05
C TYR A 51 16.03 4.06 8.57
N SER A 52 14.82 3.98 9.12
CA SER A 52 14.59 4.24 10.53
C SER A 52 13.32 3.54 10.97
N ARG A 53 13.38 2.98 12.19
CA ARG A 53 12.17 2.43 12.79
C ARG A 53 11.17 3.50 13.19
N ASP A 54 11.56 4.78 13.12
CA ASP A 54 10.67 5.89 13.44
C ASP A 54 9.69 6.23 12.32
N ALA A 55 9.75 5.54 11.19
CA ALA A 55 8.94 5.90 10.05
C ALA A 55 7.46 5.71 10.37
N ASP A 56 6.62 6.54 9.75
CA ASP A 56 5.18 6.38 9.90
C ASP A 56 4.71 5.06 9.31
N ILE A 57 5.06 4.80 8.05
CA ILE A 57 4.60 3.63 7.32
C ILE A 57 5.78 2.67 7.22
N VAL A 58 5.78 1.62 8.03
CA VAL A 58 6.77 0.57 7.93
C VAL A 58 6.26 -0.49 6.97
N ILE A 59 7.09 -0.85 5.99
CA ILE A 59 6.75 -1.80 4.95
C ILE A 59 7.51 -3.09 5.19
N GLN A 60 6.80 -4.22 5.18
CA GLN A 60 7.40 -5.54 5.34
C GLN A 60 6.83 -6.49 4.30
N PHE A 61 7.65 -7.46 3.91
CA PHE A 61 7.21 -8.68 3.23
C PHE A 61 7.30 -9.81 4.24
N GLY A 62 6.28 -10.66 4.30
CA GLY A 62 6.32 -11.80 5.20
C GLY A 62 5.32 -12.84 4.76
N VAL A 63 5.37 -13.99 5.41
CA VAL A 63 4.46 -15.10 5.12
C VAL A 63 3.73 -15.52 6.38
N ALA A 64 2.52 -16.08 6.17
CA ALA A 64 1.75 -16.77 7.22
C ALA A 64 1.64 -15.87 8.46
N GLU A 65 1.86 -16.39 9.66
CA GLU A 65 1.83 -15.55 10.85
C GLU A 65 3.15 -14.81 10.95
N HIS A 66 3.12 -13.49 10.74
CA HIS A 66 4.34 -12.72 10.55
C HIS A 66 4.54 -11.66 11.62
N GLY A 67 3.89 -11.83 12.78
CA GLY A 67 4.20 -11.04 13.96
C GLY A 67 3.14 -10.06 14.42
N ASP A 68 2.00 -9.97 13.75
CA ASP A 68 0.97 -9.02 14.16
C ASP A 68 -0.38 -9.65 14.48
N GLY A 69 -0.49 -10.97 14.48
CA GLY A 69 -1.75 -11.61 14.79
C GLY A 69 -2.77 -11.60 13.67
N TYR A 70 -2.41 -11.12 12.48
CA TYR A 70 -3.28 -11.13 11.31
C TYR A 70 -2.56 -11.93 10.24
N PRO A 71 -2.64 -13.25 10.27
CA PRO A 71 -1.78 -14.06 9.41
C PRO A 71 -2.18 -13.99 7.93
N PHE A 72 -1.17 -14.11 7.08
CA PHE A 72 -1.39 -14.35 5.67
C PHE A 72 -1.74 -15.82 5.44
N ASP A 73 -2.04 -16.15 4.18
CA ASP A 73 -2.78 -17.37 3.85
C ASP A 73 -2.14 -18.18 2.72
N GLY A 74 -0.88 -17.95 2.41
CA GLY A 74 -0.29 -18.65 1.29
C GLY A 74 -0.62 -17.96 -0.02
N LYS A 75 -0.48 -18.71 -1.11
N LYS A 75 -0.44 -18.69 -1.11
CA LYS A 75 -0.67 -18.14 -2.43
CA LYS A 75 -0.60 -18.08 -2.43
C LYS A 75 -2.10 -17.63 -2.61
C LYS A 75 -2.04 -17.67 -2.68
N ASP A 76 -2.21 -16.49 -3.29
CA ASP A 76 -3.50 -15.91 -3.66
C ASP A 76 -4.31 -15.49 -2.43
N GLY A 77 -5.59 -15.23 -2.62
CA GLY A 77 -6.40 -14.77 -1.50
C GLY A 77 -5.92 -13.43 -0.96
N LEU A 78 -5.65 -13.39 0.34
N LEU A 78 -5.61 -13.40 0.33
CA LEU A 78 -5.10 -12.19 0.95
CA LEU A 78 -5.10 -12.20 0.96
C LEU A 78 -3.76 -11.89 0.33
C LEU A 78 -3.72 -11.86 0.40
N LEU A 79 -3.60 -10.72 -0.26
CA LEU A 79 -2.36 -10.37 -0.94
C LEU A 79 -1.43 -9.53 -0.07
N ALA A 80 -2.00 -8.78 0.86
CA ALA A 80 -1.32 -7.75 1.62
C ALA A 80 -2.36 -7.20 2.58
N HIS A 81 -1.90 -6.40 3.54
CA HIS A 81 -2.83 -5.65 4.38
C HIS A 81 -2.10 -4.44 4.95
N ALA A 82 -2.89 -3.48 5.41
CA ALA A 82 -2.31 -2.26 5.97
C ALA A 82 -3.20 -1.75 7.09
N PHE A 83 -2.58 -1.09 8.04
CA PHE A 83 -3.27 -0.56 9.20
C PHE A 83 -3.57 0.93 9.03
N PRO A 84 -4.72 1.39 9.51
CA PRO A 84 -5.05 2.83 9.42
C PRO A 84 -4.09 3.67 10.23
N PRO A 85 -4.08 4.98 10.00
CA PRO A 85 -3.05 5.85 10.61
C PRO A 85 -3.06 5.82 12.14
N GLY A 86 -1.89 6.14 12.69
CA GLY A 86 -1.67 6.19 14.11
C GLY A 86 -0.25 5.78 14.44
N PRO A 87 0.07 5.65 15.72
CA PRO A 87 1.44 5.29 16.12
C PRO A 87 1.69 3.80 16.05
N GLY A 88 2.96 3.44 16.08
CA GLY A 88 3.33 2.03 16.16
C GLY A 88 2.97 1.30 14.88
N ILE A 89 2.32 0.14 15.03
CA ILE A 89 1.93 -0.67 13.88
C ILE A 89 0.91 0.04 13.01
N GLN A 90 0.19 1.01 13.56
CA GLN A 90 -0.74 1.77 12.74
C GLN A 90 0.01 2.42 11.59
N GLY A 91 -0.64 2.47 10.42
CA GLY A 91 -0.01 2.98 9.22
C GLY A 91 0.85 1.99 8.47
N ASP A 92 1.20 0.86 9.05
CA ASP A 92 2.16 -0.04 8.42
C ASP A 92 1.49 -0.86 7.32
N ALA A 93 2.31 -1.35 6.39
CA ALA A 93 1.82 -2.05 5.21
C ALA A 93 2.66 -3.32 5.03
N HIS A 94 1.98 -4.46 4.98
CA HIS A 94 2.64 -5.76 4.86
C HIS A 94 2.17 -6.46 3.60
N PHE A 95 3.11 -7.12 2.93
CA PHE A 95 2.88 -7.78 1.66
C PHE A 95 3.16 -9.27 1.82
N ASP A 96 2.23 -10.11 1.36
CA ASP A 96 2.35 -11.55 1.50
C ASP A 96 3.38 -12.06 0.50
N ASP A 97 4.53 -12.53 0.98
CA ASP A 97 5.55 -13.02 0.06
C ASP A 97 5.27 -14.42 -0.45
N ASP A 98 4.19 -15.05 -0.01
CA ASP A 98 3.73 -16.24 -0.73
C ASP A 98 3.09 -15.88 -2.07
N GLU A 99 2.87 -14.59 -2.35
CA GLU A 99 2.59 -14.20 -3.72
C GLU A 99 3.88 -14.08 -4.50
N LEU A 100 3.77 -14.26 -5.81
CA LEU A 100 4.84 -13.88 -6.73
C LEU A 100 4.59 -12.43 -7.12
N TRP A 101 5.48 -11.54 -6.67
CA TRP A 101 5.39 -10.11 -6.95
C TRP A 101 6.04 -9.80 -8.28
N SER A 102 5.31 -9.08 -9.13
CA SER A 102 5.80 -8.73 -10.46
C SER A 102 5.23 -7.37 -10.84
N LEU A 103 5.37 -7.05 -12.12
N LEU A 103 5.35 -7.04 -12.12
CA LEU A 103 4.64 -5.93 -12.72
CA LEU A 103 4.62 -5.90 -12.68
C LEU A 103 3.15 -6.23 -12.89
C LEU A 103 3.14 -6.23 -12.91
N GLY A 104 2.74 -7.49 -12.81
CA GLY A 104 1.35 -7.87 -12.93
C GLY A 104 0.87 -8.20 -14.33
N LYS A 105 1.61 -7.82 -15.37
CA LYS A 105 1.12 -8.02 -16.74
C LYS A 105 1.07 -9.50 -17.10
N GLY A 106 2.19 -10.19 -16.95
CA GLY A 106 2.21 -11.64 -17.05
C GLY A 106 1.92 -12.26 -15.70
N VAL A 107 2.70 -13.27 -15.33
CA VAL A 107 2.46 -14.00 -14.09
C VAL A 107 2.65 -13.09 -12.89
N GLY A 108 1.91 -13.39 -11.81
CA GLY A 108 2.10 -12.72 -10.55
C GLY A 108 1.19 -11.52 -10.37
N TYR A 109 1.27 -10.94 -9.18
CA TYR A 109 0.48 -9.76 -8.82
C TYR A 109 1.33 -8.51 -8.93
N SER A 110 0.70 -7.43 -9.39
CA SER A 110 1.42 -6.16 -9.50
C SER A 110 1.73 -5.60 -8.12
N LEU A 111 3.01 -5.51 -7.78
CA LEU A 111 3.40 -4.88 -6.53
C LEU A 111 2.98 -3.43 -6.49
N PHE A 112 3.09 -2.74 -7.62
CA PHE A 112 2.67 -1.34 -7.72
C PHE A 112 1.19 -1.17 -7.37
N LEU A 113 0.30 -1.95 -8.00
CA LEU A 113 -1.13 -1.76 -7.76
C LEU A 113 -1.51 -2.21 -6.35
N VAL A 114 -0.97 -3.33 -5.88
CA VAL A 114 -1.27 -3.75 -4.52
C VAL A 114 -0.77 -2.72 -3.52
N ALA A 115 0.44 -2.21 -3.73
CA ALA A 115 0.96 -1.18 -2.82
C ALA A 115 0.09 0.07 -2.85
N ALA A 116 -0.35 0.48 -4.05
CA ALA A 116 -1.16 1.69 -4.14
C ALA A 116 -2.46 1.52 -3.35
N HIS A 117 -3.09 0.34 -3.46
CA HIS A 117 -4.30 0.05 -2.68
C HIS A 117 -4.01 0.04 -1.19
N GLN A 118 -2.92 -0.64 -0.78
CA GLN A 118 -2.57 -0.70 0.63
C GLN A 118 -2.24 0.68 1.19
N PHE A 119 -1.51 1.50 0.43
CA PHE A 119 -1.21 2.82 0.92
C PHE A 119 -2.48 3.64 1.09
N GLY A 120 -3.49 3.44 0.25
CA GLY A 120 -4.79 4.05 0.50
C GLY A 120 -5.33 3.72 1.88
N HIS A 121 -5.31 2.43 2.24
CA HIS A 121 -5.71 2.03 3.60
C HIS A 121 -4.83 2.69 4.66
N ALA A 122 -3.52 2.74 4.42
CA ALA A 122 -2.58 3.31 5.39
C ALA A 122 -2.78 4.81 5.58
N LEU A 123 -3.47 5.46 4.65
CA LEU A 123 -3.83 6.87 4.77
C LEU A 123 -5.20 7.07 5.38
N GLY A 124 -5.98 5.99 5.57
CA GLY A 124 -7.28 6.07 6.19
C GLY A 124 -8.46 5.70 5.31
N LEU A 125 -8.23 5.28 4.06
CA LEU A 125 -9.36 4.96 3.21
C LEU A 125 -9.91 3.57 3.51
N ASP A 126 -11.23 3.44 3.40
CA ASP A 126 -11.93 2.17 3.38
C ASP A 126 -12.17 1.78 1.92
N HIS A 127 -12.90 0.69 1.72
CA HIS A 127 -13.15 0.20 0.36
C HIS A 127 -14.20 1.02 -0.37
N SER A 128 -14.02 1.09 -1.68
CA SER A 128 -14.96 1.74 -2.58
C SER A 128 -16.01 0.74 -3.03
N SER A 129 -17.18 1.26 -3.41
CA SER A 129 -18.20 0.47 -4.09
C SER A 129 -18.14 0.60 -5.60
N VAL A 130 -17.17 1.35 -6.13
CA VAL A 130 -17.01 1.54 -7.56
C VAL A 130 -16.06 0.45 -8.06
N PRO A 131 -16.53 -0.49 -8.89
CA PRO A 131 -15.65 -1.59 -9.30
C PRO A 131 -14.36 -1.15 -9.98
N GLU A 132 -14.38 -0.02 -10.68
CA GLU A 132 -13.19 0.49 -11.35
C GLU A 132 -12.23 1.19 -10.41
N ALA A 133 -12.62 1.48 -9.17
CA ALA A 133 -11.78 2.28 -8.29
C ALA A 133 -10.61 1.46 -7.74
N LEU A 134 -9.49 2.15 -7.50
CA LEU A 134 -8.34 1.49 -6.89
C LEU A 134 -8.69 0.88 -5.55
N MET A 135 -9.60 1.50 -4.79
CA MET A 135 -9.94 1.01 -3.47
C MET A 135 -11.09 0.00 -3.46
N TYR A 136 -11.48 -0.50 -4.63
CA TYR A 136 -12.43 -1.61 -4.66
C TYR A 136 -11.82 -2.83 -3.95
N PRO A 137 -12.63 -3.69 -3.34
CA PRO A 137 -12.05 -4.80 -2.55
C PRO A 137 -11.34 -5.87 -3.37
N MET A 138 -11.58 -5.95 -4.67
CA MET A 138 -11.11 -7.07 -5.48
C MET A 138 -9.92 -6.62 -6.33
N TYR A 139 -8.83 -7.37 -6.25
CA TYR A 139 -7.67 -7.08 -7.08
C TYR A 139 -8.02 -7.14 -8.55
N ARG A 140 -7.45 -6.21 -9.31
CA ARG A 140 -7.66 -6.09 -10.73
C ARG A 140 -6.35 -5.60 -11.33
N PHE A 141 -5.84 -6.29 -12.35
CA PHE A 141 -4.69 -5.75 -13.06
C PHE A 141 -5.13 -4.72 -14.09
N THR A 142 -4.39 -3.63 -14.19
CA THR A 142 -4.60 -2.62 -15.22
C THR A 142 -3.29 -1.94 -15.54
N GLU A 143 -3.12 -1.56 -16.81
CA GLU A 143 -2.02 -0.70 -17.24
C GLU A 143 -2.44 0.76 -17.31
N GLY A 144 -3.73 1.05 -17.17
CA GLY A 144 -4.24 2.39 -17.25
C GLY A 144 -4.19 3.10 -15.92
N PRO A 145 -4.68 4.34 -15.88
CA PRO A 145 -4.65 5.15 -14.63
C PRO A 145 -5.45 4.49 -13.53
N PRO A 146 -4.82 4.20 -12.39
CA PRO A 146 -5.53 3.46 -11.33
C PRO A 146 -6.58 4.28 -10.58
N LEU A 147 -6.42 5.58 -10.44
CA LEU A 147 -7.35 6.35 -9.62
C LEU A 147 -8.64 6.65 -10.35
N HIS A 148 -9.75 6.42 -9.68
CA HIS A 148 -11.08 6.84 -10.10
C HIS A 148 -11.45 8.08 -9.31
N LYS A 149 -12.43 8.84 -9.84
CA LYS A 149 -12.95 9.97 -9.10
C LYS A 149 -13.25 9.62 -7.65
N ASP A 150 -13.77 8.40 -7.41
CA ASP A 150 -14.17 8.04 -6.06
C ASP A 150 -12.95 7.92 -5.13
N ASP A 151 -11.81 7.45 -5.66
CA ASP A 151 -10.59 7.37 -4.86
C ASP A 151 -10.11 8.77 -4.48
N VAL A 152 -10.12 9.69 -5.44
CA VAL A 152 -9.69 11.05 -5.16
C VAL A 152 -10.67 11.73 -4.22
N ASN A 153 -11.97 11.52 -4.44
CA ASN A 153 -12.95 12.07 -3.51
C ASN A 153 -12.71 11.58 -2.09
N GLY A 154 -12.42 10.29 -1.93
CA GLY A 154 -12.19 9.76 -0.60
C GLY A 154 -10.96 10.34 0.07
N ILE A 155 -9.86 10.46 -0.69
CA ILE A 155 -8.64 10.96 -0.07
C ILE A 155 -8.74 12.46 0.19
N ARG A 156 -9.40 13.21 -0.68
N ARG A 156 -9.40 13.21 -0.69
CA ARG A 156 -9.59 14.64 -0.45
CA ARG A 156 -9.60 14.64 -0.45
C ARG A 156 -10.53 14.88 0.72
C ARG A 156 -10.53 14.88 0.72
N HIS A 157 -11.49 13.99 0.94
CA HIS A 157 -12.36 14.11 2.11
C HIS A 157 -11.55 14.09 3.39
N LEU A 158 -10.47 13.31 3.42
CA LEU A 158 -9.60 13.25 4.59
C LEU A 158 -8.59 14.39 4.64
N TYR A 159 -7.98 14.74 3.49
CA TYR A 159 -6.81 15.61 3.50
C TYR A 159 -6.98 16.95 2.80
N GLY A 160 -8.07 17.17 2.09
CA GLY A 160 -8.31 18.46 1.44
C GLY A 160 -7.80 18.52 0.02
ZN ZN B . -8.36 -3.32 0.67
ZN ZN C . 0.75 -7.96 8.89
CA CA D . -1.94 -14.74 0.08
CA CA E . 3.49 2.92 11.80
CA CA F . 7.17 -14.21 -3.25
C4 B9Z G . -7.35 -2.41 -7.92
C5 B9Z G . -6.07 -2.94 -7.75
C6 B9Z G . -5.77 -3.68 -6.61
C8 B9Z G . -7.46 -5.28 -3.61
C10 B9Z G . -5.81 -6.20 -2.13
C20 B9Z G . -8.39 -8.81 1.50
C21 B9Z G . -7.34 -7.97 1.14
C22 B9Z G . -6.90 -6.86 2.11
C1 B9Z G . -6.75 -3.92 -5.65
C12 B9Z G . -5.12 -4.93 -4.04
C19 B9Z G . -8.82 -9.83 0.66
C23 B9Z G . -7.18 -5.49 1.52
C3 B9Z G . -8.31 -2.65 -6.95
C2 B9Z G . -8.02 -3.39 -5.82
C11 B9Z G . -4.81 -5.65 -2.91
C15 B9Z G . -6.68 -1.42 -9.97
C16 B9Z G . -6.72 -8.17 -0.08
C17 B9Z G . -7.15 -9.18 -0.92
C18 B9Z G . -8.18 -10.02 -0.56
C26 B9Z G . -7.70 -6.92 3.42
C27 B9Z G . -6.99 -7.61 4.59
C28 B9Z G . -7.84 -7.63 5.84
C7 B9Z G . -6.44 -4.73 -4.40
C9 B9Z G . -7.14 -6.01 -2.48
O14 B9Z G . -7.70 -1.65 -9.04
O24 B9Z G . -6.32 -4.59 1.64
O25 B9Z G . -8.27 -5.29 0.92
O29 B9Z G . -7.59 -8.46 6.76
O30 B9Z G . -8.79 -6.82 5.97
S13 B9Z G . -5.34 -7.13 -0.65
N7 PZE H . -5.70 -4.16 10.53
N7 PZE H . -5.99 -6.79 8.92
C8 PZE H . -6.45 -3.99 9.30
C8 PZE H . -4.74 -6.18 9.32
C9 PZE H . -5.83 -4.76 8.14
C9 PZE H . -4.71 -4.67 9.05
N10 PZE H . -5.60 -6.15 8.46
N10 PZE H . -5.85 -4.00 9.64
C11 PZE H . -4.85 -6.31 9.69
C11 PZE H . -7.11 -4.60 9.23
C12 PZE H . -5.51 -5.55 10.84
C12 PZE H . -7.14 -6.10 9.48
#